data_1MJU
#
_entry.id   1MJU
#
_cell.length_a   56.046
_cell.length_b   65.349
_cell.length_c   138.563
_cell.angle_alpha   90.00
_cell.angle_beta   90.00
_cell.angle_gamma   90.00
#
_symmetry.space_group_name_H-M   'P 21 21 21'
#
loop_
_entity.id
_entity.type
_entity.pdbx_description
1 polymer 'IMMUNOGLOBULIN MS6-12'
2 polymer 'IMMUNOGLOBULIN MS6-12'
3 non-polymer GLYCEROL
4 water water
#
loop_
_entity_poly.entity_id
_entity_poly.type
_entity_poly.pdbx_seq_one_letter_code
_entity_poly.pdbx_strand_id
1 'polypeptide(L)'
;DIVMTQAAPSVPVTPGESVSISCRSSKSLLHSNGNTYLYWFLQRPGQSPQLLIYRMSNLASGVPDRFSGSGSGTAFTLRI
SRVEAEDVGVYYCLQHLEYPFTFGAGTKLELKRADAAPTVSIFPPSSEQLTSGGASVVCFLNNFYPKDINVKWKIDGSER
QNGVLNSWTDQDSKDSTYSMSSTLTLTKDEYERHNSYTCEATHKTSTSPIVKSFNRNEC
;
L
2 'polypeptide(L)'
;(PCA)VQLQQPGAELVKPGASVKLSCKASGYTFTNYWINWVKQRPGQGLEWIGNIYPGSSYTHYNEKFKNKATLTVDTSS
STAYMQLSSLTSDDSAVYYCANKLGWFPYWGQGTLVTVSAAKTTAPSVYPLAPVCGDTSGSSVTLGCLVKGYFPEPVTLT
WNSGSLSSGVHTFPAVLQSDLYTLSSSVTVTSSTWPSQSITCNVAHPASSTKVDKKIEPRGPTIKPCPPCK
;
H
#
loop_
_chem_comp.id
_chem_comp.type
_chem_comp.name
_chem_comp.formula
GOL non-polymer GLYCEROL 'C3 H8 O3'
#
# COMPACT_ATOMS: atom_id res chain seq x y z
N ASP A 1 -29.03 -11.61 1.95
CA ASP A 1 -27.68 -11.62 2.62
C ASP A 1 -27.75 -10.81 3.91
N ILE A 2 -26.94 -11.17 4.91
CA ILE A 2 -26.76 -10.32 6.08
C ILE A 2 -26.03 -9.02 5.69
N VAL A 3 -26.66 -7.88 5.98
CA VAL A 3 -26.06 -6.58 5.69
C VAL A 3 -25.25 -6.13 6.92
N MET A 4 -23.97 -5.79 6.69
CA MET A 4 -23.07 -5.29 7.74
C MET A 4 -22.82 -3.80 7.51
N THR A 5 -23.21 -2.97 8.48
CA THR A 5 -23.13 -1.52 8.34
C THR A 5 -22.14 -0.89 9.29
N GLN A 6 -21.11 -0.30 8.70
CA GLN A 6 -20.17 0.55 9.38
C GLN A 6 -20.51 1.89 8.71
N ALA A 7 -21.31 2.64 9.41
CA ALA A 7 -21.84 3.89 8.89
C ALA A 7 -20.82 5.03 8.82
N ALA A 8 -19.68 4.97 9.54
CA ALA A 8 -18.70 6.07 9.45
C ALA A 8 -17.53 5.69 8.56
N PRO A 9 -17.30 6.39 7.43
CA PRO A 9 -16.13 6.08 6.61
C PRO A 9 -14.79 6.46 7.27
N SER A 10 -14.81 7.44 8.18
CA SER A 10 -13.61 7.87 8.90
C SER A 10 -14.00 8.44 10.27
N VAL A 11 -13.14 8.22 11.26
CA VAL A 11 -13.32 8.73 12.61
C VAL A 11 -12.03 9.42 13.08
N PRO A 12 -12.10 10.70 13.46
CA PRO A 12 -10.91 11.38 14.00
C PRO A 12 -10.73 11.15 15.51
N VAL A 13 -9.46 11.09 15.94
CA VAL A 13 -9.12 10.88 17.34
C VAL A 13 -7.78 11.54 17.67
N THR A 14 -7.66 12.10 18.88
CA THR A 14 -6.41 12.67 19.37
C THR A 14 -5.53 11.55 19.93
N PRO A 15 -4.24 11.46 19.51
CA PRO A 15 -3.36 10.43 20.08
C PRO A 15 -3.41 10.43 21.62
N GLY A 16 -3.51 9.24 22.21
CA GLY A 16 -3.56 9.08 23.64
C GLY A 16 -4.98 8.97 24.20
N GLU A 17 -5.98 9.34 23.41
CA GLU A 17 -7.38 9.22 23.83
C GLU A 17 -7.98 7.89 23.34
N SER A 18 -9.15 7.56 23.87
CA SER A 18 -9.86 6.34 23.50
C SER A 18 -10.70 6.57 22.24
N VAL A 19 -11.01 5.50 21.50
CA VAL A 19 -11.93 5.56 20.37
C VAL A 19 -12.78 4.26 20.33
N SER A 20 -14.02 4.41 19.87
CA SER A 20 -14.95 3.31 19.66
C SER A 20 -15.41 3.32 18.19
N ILE A 21 -15.32 2.16 17.52
CA ILE A 21 -15.75 1.97 16.14
C ILE A 21 -16.96 1.03 16.12
N SER A 22 -18.04 1.47 15.49
CA SER A 22 -19.29 0.72 15.45
C SER A 22 -19.51 -0.12 14.17
N CYS A 23 -20.13 -1.29 14.37
CA CYS A 23 -20.58 -2.16 13.29
C CYS A 23 -21.96 -2.72 13.70
N ARG A 24 -22.91 -2.78 12.76
CA ARG A 24 -24.25 -3.31 13.00
C ARG A 24 -24.57 -4.41 11.95
N SER A 25 -25.29 -5.46 12.37
CA SER A 25 -25.75 -6.51 11.45
C SER A 25 -27.28 -6.44 11.29
N SER A 26 -27.80 -6.93 10.16
CA SER A 26 -29.24 -6.95 9.89
C SER A 26 -29.98 -8.07 10.62
N LYS A 27 -29.26 -9.05 11.16
CA LYS A 27 -29.85 -10.10 12.01
C LYS A 27 -28.80 -10.54 13.03
N SER A 28 -29.25 -11.19 14.09
CA SER A 28 -28.34 -11.68 15.15
C SER A 28 -27.24 -12.60 14.60
N LEU A 29 -26.02 -12.41 15.10
CA LEU A 29 -24.87 -13.26 14.73
C LEU A 29 -24.58 -14.37 15.79
N LEU A 30 -25.49 -14.56 16.76
CA LEU A 30 -25.38 -15.62 17.76
C LEU A 30 -25.73 -16.99 17.17
N HIS A 31 -24.76 -17.91 17.19
CA HIS A 31 -24.94 -19.29 16.71
C HIS A 31 -25.62 -20.16 17.77
N SER A 32 -26.33 -21.20 17.33
CA SER A 32 -26.89 -22.19 18.24
C SER A 32 -25.84 -22.83 19.18
N ASN A 33 -24.59 -22.86 18.75
CA ASN A 33 -23.49 -23.39 19.56
C ASN A 33 -23.02 -22.44 20.66
N GLY A 34 -23.61 -21.24 20.75
CA GLY A 34 -23.29 -20.32 21.82
C GLY A 34 -22.28 -19.20 21.50
N ASN A 35 -21.54 -19.34 20.41
CA ASN A 35 -20.55 -18.33 20.00
C ASN A 35 -21.18 -17.31 19.04
N THR A 36 -20.66 -16.07 19.02
CA THR A 36 -21.12 -15.02 18.10
C THR A 36 -20.07 -14.89 16.97
N TYR A 37 -20.53 -15.07 15.72
CA TYR A 37 -19.67 -15.22 14.55
C TYR A 37 -19.29 -13.86 13.89
N LEU A 38 -18.43 -13.10 14.58
CA LEU A 38 -18.05 -11.71 14.20
C LEU A 38 -16.53 -11.51 14.40
N TYR A 39 -15.84 -11.17 13.31
CA TYR A 39 -14.42 -10.80 13.32
C TYR A 39 -14.22 -9.26 13.18
N TRP A 40 -13.13 -8.75 13.76
CA TRP A 40 -12.57 -7.42 13.44
C TRP A 40 -11.14 -7.57 12.88
N PHE A 41 -10.81 -6.80 11.83
CA PHE A 41 -9.49 -6.74 11.21
C PHE A 41 -9.02 -5.27 11.08
N LEU A 42 -7.70 -5.08 11.10
CA LEU A 42 -7.04 -3.82 10.74
C LEU A 42 -6.25 -4.04 9.46
N GLN A 43 -6.46 -3.19 8.44
CA GLN A 43 -5.66 -3.23 7.20
C GLN A 43 -4.85 -1.94 7.04
N ARG A 44 -3.52 -2.10 6.93
CA ARG A 44 -2.59 -1.01 6.68
C ARG A 44 -2.31 -0.91 5.17
N PRO A 45 -1.90 0.26 4.67
CA PRO A 45 -1.68 0.40 3.22
C PRO A 45 -0.70 -0.63 2.62
N GLY A 46 -1.15 -1.29 1.54
CA GLY A 46 -0.37 -2.29 0.83
C GLY A 46 -0.33 -3.68 1.47
N GLN A 47 -0.95 -3.86 2.64
CA GLN A 47 -0.87 -5.11 3.39
C GLN A 47 -2.18 -5.88 3.44
N SER A 48 -2.08 -7.18 3.71
CA SER A 48 -3.27 -8.02 3.95
C SER A 48 -3.88 -7.68 5.32
N PRO A 49 -5.19 -7.89 5.48
CA PRO A 49 -5.85 -7.60 6.76
C PRO A 49 -5.27 -8.42 7.94
N GLN A 50 -5.06 -7.76 9.08
CA GLN A 50 -4.55 -8.36 10.32
C GLN A 50 -5.69 -8.63 11.30
N LEU A 51 -5.77 -9.86 11.81
CA LEU A 51 -6.79 -10.22 12.81
C LEU A 51 -6.62 -9.46 14.12
N LEU A 52 -7.70 -8.84 14.61
CA LEU A 52 -7.73 -8.18 15.92
C LEU A 52 -8.56 -8.95 16.96
N ILE A 53 -9.78 -9.32 16.56
CA ILE A 53 -10.79 -9.92 17.45
C ILE A 53 -11.49 -11.04 16.71
N TYR A 54 -11.72 -12.17 17.40
CA TYR A 54 -12.52 -13.27 16.87
C TYR A 54 -13.62 -13.64 17.87
N ARG A 55 -14.66 -14.34 17.39
CA ARG A 55 -15.85 -14.68 18.21
C ARG A 55 -16.37 -13.46 19.00
N MET A 56 -16.38 -12.30 18.34
CA MET A 56 -16.92 -11.02 18.87
C MET A 56 -16.09 -10.31 19.95
N SER A 57 -15.49 -11.08 20.87
CA SER A 57 -14.84 -10.49 22.05
C SER A 57 -13.45 -11.08 22.42
N ASN A 58 -12.96 -12.10 21.70
CA ASN A 58 -11.63 -12.65 22.02
C ASN A 58 -10.50 -11.88 21.32
N LEU A 59 -9.54 -11.41 22.11
CA LEU A 59 -8.37 -10.70 21.62
C LEU A 59 -7.40 -11.70 20.95
N ALA A 60 -7.00 -11.40 19.72
CA ALA A 60 -6.05 -12.25 18.99
C ALA A 60 -4.62 -12.19 19.57
N SER A 61 -3.87 -13.30 19.45
CA SER A 61 -2.46 -13.33 19.89
C SER A 61 -1.64 -12.25 19.24
N GLY A 62 -0.81 -11.57 20.03
CA GLY A 62 0.04 -10.53 19.49
C GLY A 62 -0.58 -9.14 19.42
N VAL A 63 -1.89 -9.03 19.66
CA VAL A 63 -2.60 -7.74 19.64
C VAL A 63 -2.59 -7.16 21.07
N PRO A 64 -2.21 -5.88 21.25
CA PRO A 64 -2.14 -5.30 22.58
C PRO A 64 -3.49 -5.26 23.31
N ASP A 65 -3.41 -5.33 24.65
CA ASP A 65 -4.58 -5.34 25.53
C ASP A 65 -5.36 -3.99 25.53
N ARG A 66 -4.84 -2.96 24.85
CA ARG A 66 -5.57 -1.71 24.58
C ARG A 66 -6.81 -1.97 23.70
N PHE A 67 -6.80 -3.06 22.93
CA PHE A 67 -7.92 -3.42 22.06
C PHE A 67 -8.93 -4.33 22.76
N SER A 68 -10.24 -4.09 22.55
CA SER A 68 -11.28 -4.98 23.05
C SER A 68 -12.48 -4.97 22.12
N GLY A 69 -13.28 -6.04 22.18
CA GLY A 69 -14.50 -6.14 21.40
C GLY A 69 -15.68 -6.52 22.28
N SER A 70 -16.83 -5.91 22.02
CA SER A 70 -18.04 -6.21 22.77
C SER A 70 -19.26 -6.11 21.85
N GLY A 71 -20.43 -6.52 22.35
CA GLY A 71 -21.63 -6.37 21.55
C GLY A 71 -22.84 -7.12 22.07
N SER A 72 -23.99 -6.85 21.44
CA SER A 72 -25.22 -7.61 21.62
C SER A 72 -25.21 -8.66 20.50
N GLY A 73 -26.38 -8.99 19.96
CA GLY A 73 -26.42 -9.90 18.83
C GLY A 73 -26.35 -9.18 17.49
N THR A 74 -26.60 -7.86 17.50
CA THR A 74 -26.66 -7.03 16.28
C THR A 74 -25.90 -5.69 16.30
N ALA A 75 -25.44 -5.21 17.46
CA ALA A 75 -24.63 -3.98 17.57
C ALA A 75 -23.29 -4.34 18.22
N PHE A 76 -22.19 -4.05 17.52
CA PHE A 76 -20.84 -4.44 17.93
C PHE A 76 -19.95 -3.21 18.02
N THR A 77 -18.99 -3.24 18.93
CA THR A 77 -18.06 -2.13 19.13
C THR A 77 -16.63 -2.62 19.33
N LEU A 78 -15.71 -2.09 18.52
CA LEU A 78 -14.27 -2.27 18.72
C LEU A 78 -13.80 -1.02 19.48
N ARG A 79 -13.17 -1.22 20.64
CA ARG A 79 -12.67 -0.12 21.46
C ARG A 79 -11.14 -0.16 21.55
N ILE A 80 -10.49 0.99 21.39
CA ILE A 80 -9.05 1.13 21.65
C ILE A 80 -8.94 2.10 22.83
N SER A 81 -8.41 1.65 23.96
CA SER A 81 -8.43 2.44 25.20
C SER A 81 -7.55 3.70 25.17
N ARG A 82 -6.45 3.63 24.40
CA ARG A 82 -5.49 4.72 24.25
C ARG A 82 -4.87 4.57 22.86
N VAL A 83 -5.19 5.46 21.92
CA VAL A 83 -4.74 5.32 20.53
C VAL A 83 -3.27 5.75 20.36
N GLU A 84 -2.50 4.90 19.67
CA GLU A 84 -1.07 5.06 19.38
C GLU A 84 -0.90 5.17 17.84
N ALA A 85 0.24 5.73 17.40
CA ALA A 85 0.51 5.93 15.97
C ALA A 85 0.35 4.62 15.16
N GLU A 86 0.81 3.49 15.71
CA GLU A 86 0.77 2.21 15.01
C GLU A 86 -0.65 1.72 14.70
N ASP A 87 -1.66 2.32 15.34
CA ASP A 87 -3.06 1.90 15.16
C ASP A 87 -3.71 2.49 13.88
N VAL A 88 -3.01 3.37 13.16
CA VAL A 88 -3.62 4.00 11.97
C VAL A 88 -3.86 2.97 10.84
N GLY A 89 -4.97 3.13 10.13
CA GLY A 89 -5.35 2.27 9.02
C GLY A 89 -6.87 2.17 8.92
N VAL A 90 -7.35 1.11 8.26
CA VAL A 90 -8.79 0.93 8.01
C VAL A 90 -9.25 -0.35 8.75
N TYR A 91 -10.32 -0.19 9.55
CA TYR A 91 -10.91 -1.25 10.39
C TYR A 91 -12.15 -1.84 9.70
N TYR A 92 -12.24 -3.18 9.63
CA TYR A 92 -13.36 -3.89 9.01
C TYR A 92 -13.96 -4.92 9.97
N CYS A 93 -15.30 -5.01 9.96
CA CYS A 93 -16.02 -6.13 10.59
C CYS A 93 -16.40 -7.16 9.50
N LEU A 94 -16.54 -8.43 9.90
CA LEU A 94 -16.91 -9.52 9.01
C LEU A 94 -17.80 -10.52 9.74
N GLN A 95 -18.99 -10.82 9.19
CA GLN A 95 -19.83 -11.91 9.73
C GLN A 95 -19.54 -13.22 8.96
N HIS A 96 -19.47 -14.33 9.70
CA HIS A 96 -19.27 -15.66 9.10
C HIS A 96 -20.31 -16.69 9.64
N LEU A 97 -21.49 -16.19 10.05
CA LEU A 97 -22.59 -17.05 10.49
C LEU A 97 -23.29 -17.73 9.31
N GLU A 98 -23.46 -17.00 8.21
CA GLU A 98 -24.21 -17.49 7.04
C GLU A 98 -23.48 -17.15 5.74
N TYR A 99 -23.61 -18.05 4.75
CA TYR A 99 -23.20 -17.75 3.38
C TYR A 99 -24.26 -16.83 2.71
N PRO A 100 -23.83 -15.84 1.91
CA PRO A 100 -22.42 -15.49 1.68
C PRO A 100 -21.84 -14.68 2.84
N PHE A 101 -20.54 -14.87 3.13
CA PHE A 101 -19.91 -14.06 4.16
C PHE A 101 -19.91 -12.60 3.70
N THR A 102 -20.09 -11.64 4.62
CA THR A 102 -20.21 -10.22 4.28
C THR A 102 -19.41 -9.33 5.25
N PHE A 103 -18.73 -8.35 4.66
CA PHE A 103 -17.92 -7.35 5.35
C PHE A 103 -18.63 -6.01 5.47
N GLY A 104 -18.34 -5.28 6.53
CA GLY A 104 -18.71 -3.89 6.50
C GLY A 104 -17.74 -3.07 5.70
N ALA A 105 -18.04 -1.79 5.39
CA ALA A 105 -17.53 -1.09 4.19
C ALA A 105 -16.11 -0.50 4.64
N GLY A 106 -15.75 -0.59 5.94
CA GLY A 106 -14.49 -0.07 6.45
C GLY A 106 -14.59 1.32 7.09
N THR A 107 -13.83 1.54 8.16
CA THR A 107 -13.75 2.84 8.85
C THR A 107 -12.26 3.18 9.03
N LYS A 108 -11.82 4.28 8.43
CA LYS A 108 -10.44 4.75 8.58
C LYS A 108 -10.30 5.54 9.88
N LEU A 109 -9.19 5.35 10.59
CA LEU A 109 -8.87 6.19 11.76
C LEU A 109 -7.96 7.33 11.32
N GLU A 110 -8.32 8.56 11.69
CA GLU A 110 -7.52 9.77 11.42
C GLU A 110 -6.93 10.29 12.74
N LEU A 111 -5.61 10.31 12.88
CA LEU A 111 -4.95 10.72 14.12
C LEU A 111 -4.59 12.20 14.08
N LYS A 112 -5.30 13.00 14.89
CA LYS A 112 -5.14 14.46 14.90
C LYS A 112 -4.04 14.89 15.89
N ARG A 113 -2.80 14.76 15.43
CA ARG A 113 -1.61 15.07 16.23
C ARG A 113 -1.25 16.57 16.16
N ALA A 114 -0.15 16.94 16.81
CA ALA A 114 0.33 18.33 16.83
C ALA A 114 0.97 18.76 15.50
N ASP A 115 1.03 20.06 15.27
CA ASP A 115 1.67 20.56 14.05
C ASP A 115 3.16 20.14 14.00
N ALA A 116 3.67 19.93 12.79
CA ALA A 116 5.06 19.55 12.56
C ALA A 116 5.53 20.18 11.25
N ALA A 117 6.72 20.80 11.27
CA ALA A 117 7.33 21.39 10.08
C ALA A 117 7.96 20.35 9.13
N PRO A 118 7.85 20.54 7.82
CA PRO A 118 8.49 19.61 6.86
C PRO A 118 10.01 19.73 6.82
N THR A 119 10.66 18.61 6.54
CA THR A 119 12.09 18.54 6.25
C THR A 119 12.20 18.40 4.73
N VAL A 120 12.81 19.38 4.06
CA VAL A 120 12.83 19.47 2.59
C VAL A 120 14.21 19.11 2.03
N SER A 121 14.24 18.27 0.99
CA SER A 121 15.49 17.87 0.30
C SER A 121 15.25 17.92 -1.22
N ILE A 122 16.19 18.50 -1.98
CA ILE A 122 16.08 18.57 -3.45
C ILE A 122 17.19 17.73 -4.11
N PHE A 123 16.86 17.10 -5.24
CA PHE A 123 17.76 16.20 -5.94
C PHE A 123 17.87 16.53 -7.43
N PRO A 124 19.06 16.90 -7.90
CA PRO A 124 19.29 17.06 -9.35
C PRO A 124 19.11 15.71 -10.07
N PRO A 125 18.93 15.77 -11.39
CA PRO A 125 18.82 14.54 -12.18
C PRO A 125 20.03 13.62 -11.96
N SER A 126 19.77 12.31 -11.98
CA SER A 126 20.83 11.29 -11.98
C SER A 126 21.60 11.39 -13.30
N SER A 127 22.93 11.25 -13.22
CA SER A 127 23.74 11.25 -14.42
C SER A 127 23.30 10.13 -15.38
N GLU A 128 22.88 8.99 -14.82
CA GLU A 128 22.41 7.86 -15.64
C GLU A 128 21.16 8.23 -16.47
N GLN A 129 20.28 9.08 -15.92
CA GLN A 129 19.07 9.46 -16.66
C GLN A 129 19.41 10.39 -17.83
N LEU A 130 20.38 11.27 -17.61
CA LEU A 130 20.75 12.25 -18.62
C LEU A 130 21.18 11.55 -19.92
N THR A 131 21.83 10.38 -19.81
CA THR A 131 22.24 9.66 -21.04
C THR A 131 21.04 9.25 -21.91
N SER A 132 19.85 9.15 -21.31
CA SER A 132 18.62 8.76 -22.02
C SER A 132 17.85 9.92 -22.69
N GLY A 133 18.30 11.15 -22.44
CA GLY A 133 17.65 12.33 -22.99
C GLY A 133 16.61 13.02 -22.08
N GLY A 134 16.42 12.51 -20.88
CA GLY A 134 15.48 13.09 -19.93
C GLY A 134 16.18 13.61 -18.69
N ALA A 135 15.48 14.44 -17.93
CA ALA A 135 16.05 15.09 -16.73
C ALA A 135 14.93 15.37 -15.72
N SER A 136 14.83 14.53 -14.69
CA SER A 136 13.82 14.68 -13.64
C SER A 136 14.49 15.26 -12.38
N VAL A 137 13.89 16.32 -11.84
CA VAL A 137 14.33 16.95 -10.59
C VAL A 137 13.31 16.58 -9.52
N VAL A 138 13.76 16.07 -8.37
CA VAL A 138 12.85 15.57 -7.31
C VAL A 138 13.00 16.36 -6.01
N CYS A 139 11.86 16.69 -5.39
CA CYS A 139 11.84 17.35 -4.10
C CYS A 139 10.99 16.54 -3.11
N PHE A 140 11.57 16.17 -1.95
CA PHE A 140 10.82 15.50 -0.88
C PHE A 140 10.54 16.50 0.25
N LEU A 141 9.30 16.51 0.73
CA LEU A 141 8.85 17.33 1.85
C LEU A 141 8.32 16.36 2.90
N ASN A 142 9.14 16.08 3.91
CA ASN A 142 8.90 14.90 4.77
C ASN A 142 8.51 15.23 6.22
N ASN A 143 7.62 14.38 6.76
CA ASN A 143 7.23 14.35 8.18
C ASN A 143 6.63 15.69 8.67
N PHE A 144 5.56 16.13 8.00
CA PHE A 144 4.86 17.37 8.35
C PHE A 144 3.42 17.09 8.80
N TYR A 145 2.81 18.09 9.46
CA TYR A 145 1.41 17.97 9.91
C TYR A 145 0.90 19.41 10.14
N PRO A 146 -0.32 19.78 9.68
CA PRO A 146 -1.33 18.96 9.00
C PRO A 146 -1.01 18.69 7.51
N LYS A 147 -1.90 17.96 6.83
CA LYS A 147 -1.66 17.47 5.45
C LYS A 147 -1.55 18.55 4.39
N ASP A 148 -2.24 19.68 4.58
CA ASP A 148 -2.26 20.72 3.56
C ASP A 148 -0.88 21.35 3.41
N ILE A 149 -0.40 21.42 2.17
CA ILE A 149 0.91 21.99 1.84
C ILE A 149 0.91 22.42 0.35
N ASN A 150 1.71 23.44 0.01
CA ASN A 150 1.82 24.07 -1.37
C ASN A 150 3.26 23.73 -1.72
N VAL A 151 3.55 23.28 -2.94
CA VAL A 151 4.83 23.51 -3.60
C VAL A 151 4.89 24.18 -4.92
N LYS A 152 5.90 25.03 -5.08
CA LYS A 152 6.18 25.76 -6.31
C LYS A 152 7.61 25.49 -6.75
N TRP A 153 7.79 25.27 -8.05
CA TRP A 153 9.10 25.12 -8.66
C TRP A 153 9.49 26.44 -9.37
N LYS A 154 10.76 26.82 -9.23
CA LYS A 154 11.30 27.98 -9.95
C LYS A 154 12.59 27.58 -10.68
N ILE A 155 12.73 28.05 -11.92
CA ILE A 155 13.92 27.84 -12.74
C ILE A 155 14.45 29.24 -13.11
N ASP A 156 15.70 29.51 -12.72
CA ASP A 156 16.32 30.83 -12.93
C ASP A 156 15.37 31.92 -12.44
N GLY A 157 14.72 31.64 -11.30
CA GLY A 157 13.84 32.61 -10.66
C GLY A 157 12.40 32.71 -11.16
N SER A 158 12.06 32.01 -12.22
CA SER A 158 10.70 32.08 -12.81
C SER A 158 9.90 30.80 -12.48
N GLU A 159 8.63 30.96 -12.08
CA GLU A 159 7.78 29.81 -11.75
C GLU A 159 7.59 28.86 -12.95
N ARG A 160 7.71 27.56 -12.70
CA ARG A 160 7.48 26.52 -13.69
C ARG A 160 6.33 25.67 -13.16
N GLN A 161 5.22 25.63 -13.88
CA GLN A 161 4.07 24.81 -13.47
C GLN A 161 3.99 23.50 -14.24
N ASN A 162 4.31 23.53 -15.54
CA ASN A 162 4.16 22.34 -16.36
C ASN A 162 5.22 21.30 -16.07
N GLY A 163 4.84 20.04 -16.21
CA GLY A 163 5.77 18.94 -16.02
C GLY A 163 5.96 18.46 -14.59
N VAL A 164 5.09 18.91 -13.69
CA VAL A 164 5.16 18.56 -12.27
C VAL A 164 4.08 17.55 -11.88
N LEU A 165 4.50 16.45 -11.23
CA LEU A 165 3.61 15.42 -10.70
C LEU A 165 3.95 15.17 -9.20
N ASN A 166 2.89 15.16 -8.38
CA ASN A 166 2.98 15.09 -6.93
C ASN A 166 2.33 13.82 -6.36
N SER A 167 2.83 13.34 -5.23
CA SER A 167 2.27 12.18 -4.55
C SER A 167 2.43 12.33 -3.04
N TRP A 168 1.42 11.88 -2.29
CA TRP A 168 1.39 11.98 -0.83
C TRP A 168 1.29 10.62 -0.16
N THR A 169 2.01 10.40 0.93
CA THR A 169 1.84 9.19 1.72
C THR A 169 0.60 9.27 2.65
N ASP A 170 0.17 8.11 3.14
CA ASP A 170 -0.79 7.98 4.24
C ASP A 170 -0.08 8.38 5.57
N GLN A 171 -0.81 8.46 6.69
CA GLN A 171 -0.17 8.82 7.97
C GLN A 171 0.91 7.81 8.39
N ASP A 172 2.06 8.32 8.85
CA ASP A 172 3.19 7.48 9.26
C ASP A 172 2.83 6.64 10.49
N SER A 173 3.19 5.37 10.47
CA SER A 173 2.87 4.43 11.55
C SER A 173 3.65 4.66 12.85
N LYS A 174 4.68 5.51 12.82
CA LYS A 174 5.47 5.84 14.02
C LYS A 174 5.22 7.23 14.60
N ASP A 175 4.96 8.23 13.74
CA ASP A 175 4.78 9.61 14.24
C ASP A 175 3.51 10.33 13.73
N SER A 176 2.66 9.64 12.94
CA SER A 176 1.37 10.20 12.47
C SER A 176 1.47 11.42 11.52
N THR A 177 2.67 11.68 10.98
CA THR A 177 2.86 12.78 10.01
C THR A 177 2.56 12.32 8.58
N TYR A 178 2.55 13.28 7.66
CA TYR A 178 2.44 13.06 6.22
C TYR A 178 3.78 13.42 5.56
N SER A 179 4.03 12.85 4.37
CA SER A 179 5.15 13.23 3.51
C SER A 179 4.64 13.42 2.06
N MET A 180 5.40 14.17 1.26
CA MET A 180 5.04 14.44 -0.12
C MET A 180 6.29 14.41 -1.02
N SER A 181 6.13 13.90 -2.24
CA SER A 181 7.17 13.94 -3.26
C SER A 181 6.65 14.71 -4.47
N SER A 182 7.49 15.61 -5.01
CA SER A 182 7.18 16.42 -6.20
C SER A 182 8.29 16.19 -7.23
N THR A 183 7.92 15.81 -8.46
CA THR A 183 8.87 15.54 -9.53
C THR A 183 8.60 16.44 -10.74
N LEU A 184 9.61 17.21 -11.14
CA LEU A 184 9.59 18.08 -12.33
C LEU A 184 10.38 17.37 -13.44
N THR A 185 9.71 16.99 -14.53
CA THR A 185 10.36 16.27 -15.62
C THR A 185 10.56 17.15 -16.86
N LEU A 186 11.81 17.33 -17.24
CA LEU A 186 12.26 18.12 -18.38
C LEU A 186 12.99 17.24 -19.40
N THR A 187 13.19 17.74 -20.62
CA THR A 187 14.14 17.06 -21.51
C THR A 187 15.56 17.43 -21.02
N LYS A 188 16.56 16.62 -21.37
CA LYS A 188 17.95 16.98 -21.07
C LYS A 188 18.32 18.36 -21.64
N ASP A 189 17.92 18.64 -22.89
CA ASP A 189 18.27 19.92 -23.51
C ASP A 189 17.69 21.11 -22.72
N GLU A 190 16.45 21.00 -22.25
CA GLU A 190 15.83 22.04 -21.45
C GLU A 190 16.57 22.22 -20.11
N TYR A 191 16.90 21.13 -19.44
CA TYR A 191 17.62 21.17 -18.16
C TYR A 191 18.95 21.91 -18.31
N GLU A 192 19.66 21.64 -19.40
CA GLU A 192 20.96 22.24 -19.65
C GLU A 192 20.94 23.71 -20.07
N ARG A 193 19.76 24.25 -20.36
CA ARG A 193 19.62 25.65 -20.74
C ARG A 193 19.48 26.60 -19.55
N HIS A 194 19.38 26.05 -18.34
CA HIS A 194 19.19 26.86 -17.14
C HIS A 194 20.13 26.46 -16.03
N ASN A 195 20.30 27.30 -15.01
CA ASN A 195 21.23 26.93 -13.95
C ASN A 195 20.65 26.82 -12.52
N SER A 196 19.80 27.74 -12.04
CA SER A 196 19.22 27.66 -10.68
C SER A 196 17.89 26.89 -10.69
N TYR A 197 17.75 25.91 -9.79
CA TYR A 197 16.53 25.12 -9.60
C TYR A 197 16.12 25.20 -8.14
N THR A 198 14.85 25.54 -7.89
CA THR A 198 14.33 25.77 -6.55
C THR A 198 12.99 25.09 -6.30
N CYS A 199 12.89 24.41 -5.14
CA CYS A 199 11.65 23.83 -4.59
C CYS A 199 11.24 24.74 -3.42
N GLU A 200 10.06 25.38 -3.52
CA GLU A 200 9.60 26.37 -2.56
C GLU A 200 8.27 25.92 -1.99
N ALA A 201 8.24 25.65 -0.70
CA ALA A 201 6.99 25.26 -0.08
C ALA A 201 6.39 26.25 0.90
N THR A 202 5.09 26.14 1.10
CA THR A 202 4.42 26.87 2.18
C THR A 202 3.59 25.89 3.00
N HIS A 203 3.60 26.10 4.32
CA HIS A 203 2.95 25.23 5.28
C HIS A 203 2.62 26.10 6.51
N LYS A 204 1.60 25.71 7.27
CA LYS A 204 1.16 26.60 8.36
C LYS A 204 2.20 26.80 9.50
N THR A 205 3.21 25.93 9.59
CA THR A 205 4.29 26.06 10.57
C THR A 205 5.28 27.20 10.33
N SER A 206 5.21 27.89 9.19
CA SER A 206 6.06 29.05 8.94
C SER A 206 5.27 30.16 8.26
N THR A 207 5.61 31.41 8.59
CA THR A 207 5.00 32.57 7.95
C THR A 207 5.76 33.03 6.68
N SER A 208 6.82 32.31 6.31
CA SER A 208 7.58 32.57 5.09
C SER A 208 7.89 31.25 4.38
N PRO A 209 8.33 31.32 3.13
CA PRO A 209 8.61 30.09 2.37
C PRO A 209 9.73 29.22 2.94
N ILE A 210 9.56 27.93 2.72
CA ILE A 210 10.51 26.92 3.07
C ILE A 210 11.20 26.51 1.75
N VAL A 211 12.49 26.82 1.58
CA VAL A 211 13.15 26.71 0.27
C VAL A 211 14.43 25.87 0.26
N LYS A 212 14.57 25.04 -0.78
CA LYS A 212 15.83 24.33 -1.07
C LYS A 212 16.14 24.51 -2.57
N SER A 213 17.43 24.75 -2.87
CA SER A 213 17.87 25.02 -4.22
C SER A 213 19.21 24.41 -4.53
N PHE A 214 19.53 24.41 -5.82
CA PHE A 214 20.88 24.08 -6.29
C PHE A 214 21.15 24.78 -7.62
N ASN A 215 22.44 24.94 -7.91
CA ASN A 215 22.90 25.36 -9.24
C ASN A 215 23.43 24.11 -9.99
N ARG A 216 22.95 23.90 -11.23
CA ARG A 216 23.29 22.71 -12.02
C ARG A 216 24.81 22.44 -12.10
N ASN A 217 25.61 23.50 -12.27
CA ASN A 217 27.06 23.35 -12.46
C ASN A 217 27.89 23.40 -11.16
N GLU A 218 27.26 23.40 -9.98
CA GLU A 218 27.99 23.60 -8.71
C GLU A 218 28.50 22.31 -8.01
N CYS A 219 29.29 21.54 -8.76
CA CYS A 219 29.93 20.33 -8.25
C CYS A 219 31.42 20.39 -8.66
N PCA B 1 5.40 -22.63 10.10
CA PCA B 1 4.55 -21.43 9.94
CB PCA B 1 5.48 -20.22 9.94
CG PCA B 1 6.91 -20.74 10.07
CD PCA B 1 6.79 -22.25 10.01
OE PCA B 1 7.75 -23.11 10.48
C PCA B 1 3.67 -21.56 8.70
O PCA B 1 4.13 -21.91 7.61
N VAL B 2 2.38 -21.47 8.93
CA VAL B 2 1.40 -21.36 7.86
C VAL B 2 1.72 -20.20 6.90
N GLN B 3 1.78 -20.52 5.60
CA GLN B 3 2.01 -19.53 4.55
C GLN B 3 1.18 -19.84 3.28
N LEU B 4 0.74 -18.77 2.62
CA LEU B 4 0.00 -18.82 1.35
C LEU B 4 0.72 -17.88 0.37
N GLN B 5 1.25 -18.42 -0.73
CA GLN B 5 2.06 -17.69 -1.70
C GLN B 5 1.30 -17.40 -2.99
N GLN B 6 1.12 -16.10 -3.29
CA GLN B 6 0.44 -15.63 -4.50
C GLN B 6 1.41 -14.80 -5.37
N PRO B 7 1.32 -14.87 -6.70
CA PRO B 7 2.12 -13.98 -7.55
C PRO B 7 1.73 -12.51 -7.34
N GLY B 8 2.65 -11.57 -7.53
CA GLY B 8 2.34 -10.17 -7.32
C GLY B 8 1.39 -9.55 -8.34
N ALA B 9 1.45 -10.01 -9.59
CA ALA B 9 0.72 -9.35 -10.67
C ALA B 9 0.29 -10.27 -11.80
N GLU B 10 -0.84 -9.93 -12.43
CA GLU B 10 -1.23 -10.52 -13.71
C GLU B 10 -1.80 -9.42 -14.61
N LEU B 11 -1.18 -9.26 -15.78
CA LEU B 11 -1.66 -8.35 -16.83
C LEU B 11 -2.55 -9.18 -17.76
N VAL B 12 -3.79 -8.74 -17.97
CA VAL B 12 -4.80 -9.50 -18.71
C VAL B 12 -5.46 -8.64 -19.76
N LYS B 13 -5.56 -9.14 -20.99
CA LYS B 13 -6.22 -8.39 -22.06
C LYS B 13 -7.72 -8.37 -21.84
N PRO B 14 -8.38 -7.27 -22.17
CA PRO B 14 -9.85 -7.21 -22.06
C PRO B 14 -10.50 -8.38 -22.80
N GLY B 15 -11.42 -9.06 -22.12
CA GLY B 15 -12.13 -10.20 -22.66
C GLY B 15 -11.46 -11.54 -22.45
N ALA B 16 -10.18 -11.52 -22.08
CA ALA B 16 -9.47 -12.77 -21.81
C ALA B 16 -9.81 -13.27 -20.41
N SER B 17 -9.37 -14.50 -20.12
CA SER B 17 -9.50 -15.13 -18.80
C SER B 17 -8.13 -15.17 -18.12
N VAL B 18 -8.12 -15.36 -16.80
CA VAL B 18 -6.88 -15.51 -16.07
C VAL B 18 -7.07 -16.57 -14.97
N LYS B 19 -6.02 -17.30 -14.66
CA LYS B 19 -6.06 -18.27 -13.55
C LYS B 19 -5.04 -17.85 -12.48
N LEU B 20 -5.56 -17.53 -11.30
CA LEU B 20 -4.77 -17.09 -10.15
C LEU B 20 -4.38 -18.28 -9.26
N SER B 21 -3.13 -18.35 -8.81
CA SER B 21 -2.63 -19.42 -7.95
C SER B 21 -2.36 -18.98 -6.50
N CYS B 22 -2.46 -19.96 -5.59
CA CYS B 22 -2.29 -19.76 -4.15
C CYS B 22 -1.65 -21.04 -3.59
N LYS B 23 -0.33 -21.01 -3.38
CA LYS B 23 0.46 -22.19 -2.93
C LYS B 23 0.56 -22.24 -1.40
N ALA B 24 0.06 -23.33 -0.81
CA ALA B 24 0.01 -23.48 0.65
C ALA B 24 1.18 -24.30 1.21
N SER B 25 1.63 -23.93 2.41
CA SER B 25 2.67 -24.67 3.12
C SER B 25 2.51 -24.49 4.64
N GLY B 26 3.08 -25.41 5.42
CA GLY B 26 3.11 -25.29 6.86
C GLY B 26 1.97 -25.96 7.64
N TYR B 27 1.08 -26.66 6.92
CA TYR B 27 -0.09 -27.32 7.51
C TYR B 27 -0.66 -28.29 6.47
N THR B 28 -1.64 -29.11 6.85
CA THR B 28 -2.25 -30.09 5.93
C THR B 28 -3.33 -29.42 5.05
N PHE B 29 -2.94 -29.12 3.82
CA PHE B 29 -3.78 -28.38 2.84
C PHE B 29 -5.19 -28.95 2.64
N THR B 30 -5.32 -30.27 2.59
CA THR B 30 -6.62 -30.89 2.31
C THR B 30 -7.68 -30.67 3.40
N ASN B 31 -7.25 -30.25 4.58
CA ASN B 31 -8.11 -30.33 5.78
C ASN B 31 -8.79 -29.02 6.25
N TYR B 32 -8.57 -27.93 5.52
CA TYR B 32 -9.07 -26.60 5.93
C TYR B 32 -9.56 -25.79 4.71
N TRP B 33 -10.63 -25.01 4.93
CA TRP B 33 -11.18 -24.17 3.86
C TRP B 33 -10.21 -23.10 3.36
N ILE B 34 -10.26 -22.89 2.05
CA ILE B 34 -9.60 -21.76 1.35
C ILE B 34 -10.71 -20.79 0.87
N ASN B 35 -10.58 -19.51 1.16
CA ASN B 35 -11.50 -18.45 0.76
C ASN B 35 -10.80 -17.47 -0.19
N TRP B 36 -11.58 -16.82 -1.08
CA TRP B 36 -11.05 -15.78 -1.97
C TRP B 36 -11.84 -14.46 -1.75
N VAL B 37 -11.11 -13.35 -1.79
CA VAL B 37 -11.61 -12.01 -1.49
C VAL B 37 -11.11 -11.00 -2.53
N LYS B 38 -12.00 -10.11 -2.99
CA LYS B 38 -11.70 -9.05 -3.95
C LYS B 38 -11.60 -7.68 -3.26
N GLN B 39 -10.65 -6.85 -3.70
CA GLN B 39 -10.53 -5.46 -3.22
C GLN B 39 -10.13 -4.52 -4.37
N ARG B 40 -11.08 -3.73 -4.86
CA ARG B 40 -10.78 -2.71 -5.89
C ARG B 40 -9.94 -1.61 -5.23
N PRO B 41 -9.09 -0.94 -6.02
CA PRO B 41 -8.20 0.10 -5.48
C PRO B 41 -8.94 1.19 -4.70
N GLY B 42 -8.53 1.38 -3.45
CA GLY B 42 -9.13 2.37 -2.55
C GLY B 42 -10.50 2.01 -1.99
N GLN B 43 -10.98 0.79 -2.26
CA GLN B 43 -12.32 0.38 -1.85
C GLN B 43 -12.24 -0.74 -0.79
N GLY B 44 -13.39 -1.31 -0.43
CA GLY B 44 -13.46 -2.32 0.61
C GLY B 44 -13.29 -3.76 0.15
N LEU B 45 -13.42 -4.67 1.10
CA LEU B 45 -13.26 -6.12 0.88
C LEU B 45 -14.62 -6.78 0.53
N GLU B 46 -14.61 -7.74 -0.43
CA GLU B 46 -15.82 -8.47 -0.87
C GLU B 46 -15.48 -9.97 -0.92
N TRP B 47 -16.32 -10.83 -0.35
CA TRP B 47 -16.08 -12.28 -0.36
C TRP B 47 -16.61 -12.94 -1.66
N ILE B 48 -15.76 -13.73 -2.34
CA ILE B 48 -16.10 -14.37 -3.61
C ILE B 48 -16.66 -15.79 -3.43
N GLY B 49 -16.00 -16.60 -2.62
CA GLY B 49 -16.36 -17.99 -2.44
C GLY B 49 -15.32 -18.76 -1.64
N ASN B 50 -15.59 -20.02 -1.36
CA ASN B 50 -14.64 -20.91 -0.68
C ASN B 50 -14.64 -22.34 -1.26
N ILE B 51 -13.59 -23.10 -0.92
CA ILE B 51 -13.43 -24.48 -1.36
C ILE B 51 -12.71 -25.29 -0.28
N TYR B 52 -13.14 -26.54 -0.07
CA TYR B 52 -12.52 -27.45 0.90
C TYR B 52 -11.61 -28.39 0.07
N PRO B 53 -10.29 -28.24 0.15
CA PRO B 53 -9.44 -28.96 -0.83
C PRO B 53 -9.50 -30.49 -0.83
N GLY B 54 -9.77 -31.15 0.29
CA GLY B 54 -9.84 -32.60 0.29
C GLY B 54 -10.97 -33.17 -0.55
N SER B 55 -12.04 -32.41 -0.74
CA SER B 55 -13.23 -32.87 -1.46
C SER B 55 -13.66 -32.02 -2.67
N SER B 56 -13.11 -30.81 -2.79
CA SER B 56 -13.52 -29.81 -3.79
C SER B 56 -14.98 -29.31 -3.60
N TYR B 57 -15.55 -29.51 -2.41
CA TYR B 57 -16.83 -28.91 -2.03
C TYR B 57 -16.69 -27.36 -2.05
N THR B 58 -17.58 -26.65 -2.76
CA THR B 58 -17.52 -25.18 -2.90
C THR B 58 -18.79 -24.44 -2.48
N HIS B 59 -18.60 -23.16 -2.14
CA HIS B 59 -19.70 -22.18 -2.00
C HIS B 59 -19.28 -20.93 -2.78
N TYR B 60 -20.23 -20.35 -3.54
CA TYR B 60 -20.00 -19.11 -4.27
C TYR B 60 -20.98 -18.02 -3.82
N ASN B 61 -20.48 -16.79 -3.71
CA ASN B 61 -21.34 -15.60 -3.62
C ASN B 61 -22.10 -15.51 -4.96
N GLU B 62 -23.43 -15.39 -4.92
CA GLU B 62 -24.27 -15.26 -6.12
C GLU B 62 -23.73 -14.21 -7.11
N LYS B 63 -23.16 -13.13 -6.58
CA LYS B 63 -22.65 -12.04 -7.40
C LYS B 63 -21.49 -12.46 -8.32
N PHE B 64 -20.78 -13.53 -7.96
CA PHE B 64 -19.62 -14.01 -8.72
C PHE B 64 -19.84 -15.36 -9.43
N LYS B 65 -21.05 -15.90 -9.39
CA LYS B 65 -21.34 -17.24 -9.94
C LYS B 65 -20.98 -17.40 -11.42
N ASN B 66 -21.08 -16.32 -12.20
CA ASN B 66 -20.73 -16.36 -13.63
C ASN B 66 -19.36 -15.76 -13.98
N LYS B 67 -18.56 -15.45 -12.96
CA LYS B 67 -17.25 -14.81 -13.12
C LYS B 67 -16.09 -15.70 -12.61
N ALA B 68 -16.31 -16.37 -11.48
CA ALA B 68 -15.25 -17.14 -10.80
C ALA B 68 -15.50 -18.65 -10.76
N THR B 69 -14.41 -19.42 -10.87
CA THR B 69 -14.41 -20.89 -10.71
C THR B 69 -13.25 -21.28 -9.80
N LEU B 70 -13.55 -21.97 -8.69
CA LEU B 70 -12.54 -22.42 -7.72
C LEU B 70 -12.21 -23.90 -7.90
N THR B 71 -10.92 -24.22 -7.93
CA THR B 71 -10.41 -25.60 -8.00
C THR B 71 -9.15 -25.72 -7.13
N VAL B 72 -8.67 -26.95 -6.97
CA VAL B 72 -7.43 -27.24 -6.25
C VAL B 72 -6.60 -28.33 -6.95
N ASP B 73 -5.31 -28.35 -6.62
CA ASP B 73 -4.39 -29.42 -7.00
C ASP B 73 -3.83 -29.98 -5.68
N THR B 74 -4.30 -31.16 -5.27
CA THR B 74 -3.90 -31.75 -4.00
C THR B 74 -2.50 -32.38 -4.04
N SER B 75 -1.94 -32.56 -5.23
CA SER B 75 -0.57 -33.06 -5.37
C SER B 75 0.45 -31.95 -5.04
N SER B 76 0.22 -30.74 -5.55
CA SER B 76 1.10 -29.60 -5.33
C SER B 76 0.66 -28.65 -4.20
N SER B 77 -0.44 -28.97 -3.53
CA SER B 77 -1.00 -28.13 -2.45
C SER B 77 -1.22 -26.68 -2.90
N THR B 78 -1.85 -26.53 -4.07
CA THR B 78 -2.14 -25.24 -4.66
C THR B 78 -3.64 -25.05 -4.91
N ALA B 79 -4.17 -23.90 -4.52
CA ALA B 79 -5.56 -23.50 -4.83
C ALA B 79 -5.55 -22.54 -6.04
N TYR B 80 -6.60 -22.63 -6.88
CA TYR B 80 -6.73 -21.80 -8.09
C TYR B 80 -8.10 -21.10 -8.19
N MET B 81 -8.11 -19.87 -8.72
CA MET B 81 -9.34 -19.17 -9.05
C MET B 81 -9.25 -18.69 -10.50
N GLN B 82 -10.16 -19.17 -11.36
CA GLN B 82 -10.23 -18.74 -12.75
C GLN B 82 -11.30 -17.64 -12.84
N LEU B 83 -10.93 -16.50 -13.43
CA LEU B 83 -11.85 -15.39 -13.68
C LEU B 83 -12.05 -15.29 -15.19
N SER B 84 -13.31 -15.26 -15.65
CA SER B 84 -13.65 -15.24 -17.07
C SER B 84 -14.03 -13.86 -17.63
N SER B 85 -13.77 -13.68 -18.93
CA SER B 85 -14.21 -12.50 -19.70
C SER B 85 -13.99 -11.18 -18.98
N LEU B 86 -12.72 -10.81 -18.75
CA LEU B 86 -12.44 -9.65 -17.89
C LEU B 86 -12.78 -8.29 -18.48
N THR B 87 -13.28 -7.43 -17.61
CA THR B 87 -13.58 -6.04 -17.92
C THR B 87 -12.80 -5.19 -16.92
N SER B 88 -12.83 -3.87 -17.09
CA SER B 88 -12.13 -2.97 -16.16
C SER B 88 -12.66 -3.08 -14.73
N ASP B 89 -13.92 -3.48 -14.56
CA ASP B 89 -14.47 -3.69 -13.21
C ASP B 89 -13.79 -4.86 -12.47
N ASP B 90 -13.05 -5.69 -13.21
CA ASP B 90 -12.33 -6.83 -12.64
C ASP B 90 -10.89 -6.49 -12.21
N SER B 91 -10.39 -5.30 -12.57
CA SER B 91 -9.08 -4.84 -12.09
C SER B 91 -9.16 -4.63 -10.58
N ALA B 92 -8.32 -5.33 -9.83
CA ALA B 92 -8.41 -5.37 -8.37
C ALA B 92 -7.30 -6.24 -7.81
N VAL B 93 -7.08 -6.16 -6.50
CA VAL B 93 -6.28 -7.15 -5.77
C VAL B 93 -7.22 -8.30 -5.38
N TYR B 94 -6.77 -9.53 -5.61
CA TYR B 94 -7.47 -10.75 -5.21
C TYR B 94 -6.61 -11.49 -4.17
N TYR B 95 -7.17 -11.68 -2.97
CA TYR B 95 -6.52 -12.42 -1.89
C TYR B 95 -7.04 -13.85 -1.80
N CYS B 96 -6.15 -14.80 -1.49
CA CYS B 96 -6.58 -16.08 -0.95
C CYS B 96 -6.32 -16.03 0.57
N ALA B 97 -7.11 -16.78 1.32
CA ALA B 97 -6.99 -16.85 2.76
C ALA B 97 -7.47 -18.24 3.20
N ASN B 98 -6.99 -18.73 4.31
CA ASN B 98 -7.50 -20.00 4.85
C ASN B 98 -8.08 -19.78 6.25
N LYS B 99 -8.60 -20.84 6.84
CA LYS B 99 -9.18 -20.79 8.17
C LYS B 99 -8.75 -22.03 8.95
N LEU B 100 -7.95 -21.86 10.00
CA LEU B 100 -7.51 -22.96 10.85
C LEU B 100 -8.20 -22.79 12.21
N GLY B 101 -9.34 -23.45 12.38
CA GLY B 101 -10.17 -23.20 13.55
C GLY B 101 -10.72 -21.76 13.48
N TRP B 102 -10.55 -20.98 14.54
CA TRP B 102 -10.96 -19.57 14.54
C TRP B 102 -9.98 -18.67 13.75
N PHE B 103 -8.79 -19.17 13.39
CA PHE B 103 -7.68 -18.29 12.98
C PHE B 103 -7.43 -18.25 11.47
N PRO B 104 -7.70 -17.07 10.80
CA PRO B 104 -7.38 -16.98 9.38
C PRO B 104 -5.93 -16.61 9.10
N TYR B 105 -5.41 -17.07 7.97
CA TYR B 105 -4.11 -16.64 7.43
C TYR B 105 -4.35 -16.15 5.98
N TRP B 106 -3.65 -15.10 5.56
CA TRP B 106 -3.85 -14.49 4.23
C TRP B 106 -2.60 -14.55 3.35
N GLY B 107 -2.78 -14.73 2.04
CA GLY B 107 -1.73 -14.44 1.08
C GLY B 107 -1.55 -12.91 0.93
N GLN B 108 -0.53 -12.50 0.17
CA GLN B 108 -0.22 -11.08 -0.03
C GLN B 108 -1.08 -10.40 -1.10
N GLY B 109 -1.84 -11.19 -1.86
CA GLY B 109 -2.70 -10.71 -2.92
C GLY B 109 -2.02 -10.61 -4.29
N THR B 110 -2.80 -10.82 -5.35
CA THR B 110 -2.34 -10.62 -6.74
C THR B 110 -3.10 -9.42 -7.33
N LEU B 111 -2.36 -8.43 -7.83
CA LEU B 111 -2.97 -7.29 -8.51
C LEU B 111 -3.21 -7.63 -9.99
N VAL B 112 -4.48 -7.76 -10.35
CA VAL B 112 -4.90 -8.00 -11.74
C VAL B 112 -5.19 -6.65 -12.41
N THR B 113 -4.49 -6.38 -13.52
CA THR B 113 -4.71 -5.19 -14.34
C THR B 113 -5.27 -5.63 -15.70
N VAL B 114 -6.46 -5.15 -16.04
CA VAL B 114 -7.11 -5.45 -17.32
C VAL B 114 -6.78 -4.30 -18.29
N SER B 115 -5.96 -4.58 -19.30
CA SER B 115 -5.48 -3.56 -20.23
C SER B 115 -4.88 -4.17 -21.49
N ALA B 116 -4.95 -3.43 -22.61
CA ALA B 116 -4.33 -3.84 -23.87
C ALA B 116 -2.88 -3.34 -23.97
N ALA B 117 -2.44 -2.52 -23.01
CA ALA B 117 -1.08 -1.98 -23.04
C ALA B 117 -0.04 -3.05 -22.72
N LYS B 118 1.18 -2.88 -23.23
CA LYS B 118 2.25 -3.87 -23.02
C LYS B 118 3.00 -3.70 -21.71
N THR B 119 3.54 -4.79 -21.21
CA THR B 119 4.41 -4.76 -20.04
C THR B 119 5.68 -3.98 -20.37
N THR B 120 6.09 -3.10 -19.46
CA THR B 120 7.32 -2.31 -19.60
C THR B 120 8.07 -2.29 -18.27
N ALA B 121 9.32 -2.73 -18.25
CA ALA B 121 10.14 -2.70 -17.02
C ALA B 121 10.59 -1.26 -16.71
N PRO B 122 10.75 -0.91 -15.45
CA PRO B 122 11.18 0.45 -15.08
C PRO B 122 12.67 0.76 -15.30
N SER B 123 12.96 2.05 -15.52
CA SER B 123 14.33 2.56 -15.42
C SER B 123 14.47 2.99 -13.94
N VAL B 124 15.58 2.64 -13.31
CA VAL B 124 15.80 2.93 -11.88
C VAL B 124 17.02 3.85 -11.72
N TYR B 125 16.83 4.99 -11.07
CA TYR B 125 17.87 6.02 -10.96
C TYR B 125 18.22 6.33 -9.49
N PRO B 126 19.51 6.22 -9.11
CA PRO B 126 19.95 6.60 -7.75
C PRO B 126 20.06 8.12 -7.64
N LEU B 127 19.58 8.67 -6.52
CA LEU B 127 19.57 10.13 -6.28
C LEU B 127 20.44 10.48 -5.07
N ALA B 128 21.65 10.97 -5.31
CA ALA B 128 22.54 11.41 -4.25
C ALA B 128 22.26 12.91 -3.95
N PRO B 129 22.68 13.39 -2.77
CA PRO B 129 22.44 14.79 -2.41
C PRO B 129 23.13 15.79 -3.32
N VAL B 130 22.64 17.02 -3.24
CA VAL B 130 23.31 18.18 -3.85
C VAL B 130 24.78 18.24 -3.36
N CYS B 131 25.70 18.60 -4.24
CA CYS B 131 27.11 18.75 -3.86
C CYS B 131 27.26 19.86 -2.83
N SER B 138 21.62 14.81 9.79
CA SER B 138 21.08 13.75 8.94
C SER B 138 21.38 14.02 7.47
N VAL B 139 21.30 12.96 6.67
CA VAL B 139 21.39 13.04 5.21
C VAL B 139 20.22 12.23 4.61
N THR B 140 19.63 12.75 3.52
CA THR B 140 18.54 12.08 2.80
C THR B 140 19.01 11.68 1.38
N LEU B 141 18.71 10.44 1.00
CA LEU B 141 18.98 9.88 -0.32
C LEU B 141 17.64 9.52 -0.99
N GLY B 142 17.64 9.40 -2.32
CA GLY B 142 16.44 9.02 -3.05
C GLY B 142 16.65 7.97 -4.12
N CYS B 143 15.52 7.47 -4.63
CA CYS B 143 15.48 6.47 -5.71
C CYS B 143 14.25 6.78 -6.58
N LEU B 144 14.47 6.93 -7.89
CA LEU B 144 13.38 7.26 -8.83
C LEU B 144 13.15 6.04 -9.75
N VAL B 145 11.91 5.57 -9.82
CA VAL B 145 11.51 4.39 -10.59
C VAL B 145 10.55 4.86 -11.70
N LYS B 146 11.06 4.95 -12.93
CA LYS B 146 10.35 5.65 -14.01
C LYS B 146 9.97 4.79 -15.21
N GLY B 147 8.73 4.95 -15.65
CA GLY B 147 8.26 4.35 -16.90
C GLY B 147 7.96 2.86 -16.93
N TYR B 148 7.15 2.38 -15.98
CA TYR B 148 6.81 0.97 -15.92
C TYR B 148 5.29 0.71 -16.07
N PHE B 149 4.95 -0.52 -16.45
CA PHE B 149 3.55 -0.94 -16.57
C PHE B 149 3.48 -2.47 -16.57
N PRO B 150 2.51 -3.13 -15.89
CA PRO B 150 1.52 -2.57 -14.95
C PRO B 150 2.17 -2.24 -13.61
N GLU B 151 1.45 -1.74 -12.61
CA GLU B 151 1.65 -2.06 -11.18
C GLU B 151 1.71 -3.47 -10.73
N PRO B 152 2.35 -3.81 -9.59
CA PRO B 152 3.15 -2.99 -8.68
C PRO B 152 4.64 -2.99 -9.04
N VAL B 153 5.51 -2.27 -8.34
CA VAL B 153 6.78 -2.69 -7.85
C VAL B 153 7.01 -2.87 -6.41
N THR B 154 8.08 -3.58 -6.07
CA THR B 154 8.51 -3.72 -4.69
C THR B 154 9.87 -3.05 -4.54
N LEU B 155 9.91 -1.94 -3.82
CA LEU B 155 11.14 -1.19 -3.58
C LEU B 155 11.60 -1.43 -2.14
N THR B 156 12.90 -1.76 -1.98
CA THR B 156 13.56 -1.87 -0.67
C THR B 156 14.87 -1.09 -0.67
N TRP B 157 15.40 -0.88 0.53
CA TRP B 157 16.71 -0.31 0.74
C TRP B 157 17.59 -1.38 1.43
N ASN B 158 18.83 -1.63 0.88
CA ASN B 158 19.72 -2.66 1.45
C ASN B 158 18.98 -4.00 1.63
N SER B 159 18.21 -4.37 0.61
CA SER B 159 17.51 -5.67 0.55
C SER B 159 16.48 -5.86 1.67
N GLY B 160 15.99 -4.74 2.22
CA GLY B 160 15.00 -4.76 3.30
C GLY B 160 15.57 -4.54 4.71
N SER B 161 16.91 -4.57 4.84
CA SER B 161 17.53 -4.41 6.16
C SER B 161 17.49 -2.95 6.67
N LEU B 162 17.35 -1.98 5.74
CA LEU B 162 17.21 -0.56 6.09
C LEU B 162 15.72 -0.21 5.88
N SER B 163 14.99 -0.16 6.99
CA SER B 163 13.53 0.06 6.94
C SER B 163 13.06 1.34 7.68
N SER B 164 13.80 1.77 8.71
CA SER B 164 13.47 3.00 9.45
C SER B 164 13.81 4.25 8.61
N GLY B 165 13.01 5.31 8.74
CA GLY B 165 13.30 6.57 8.04
C GLY B 165 13.08 6.54 6.53
N VAL B 166 12.31 5.54 6.06
CA VAL B 166 11.99 5.37 4.64
C VAL B 166 10.59 5.92 4.33
N HIS B 167 10.43 6.64 3.22
CA HIS B 167 9.10 7.00 2.68
C HIS B 167 9.04 6.57 1.20
N THR B 168 8.22 5.58 0.90
CA THR B 168 7.97 5.11 -0.47
C THR B 168 6.58 5.60 -0.87
N PHE B 169 6.53 6.40 -1.94
CA PHE B 169 5.32 7.13 -2.34
C PHE B 169 4.43 6.35 -3.31
N PRO B 170 3.12 6.60 -3.28
CA PRO B 170 2.24 6.00 -4.28
C PRO B 170 2.65 6.41 -5.70
N ALA B 171 2.50 5.49 -6.66
CA ALA B 171 2.83 5.78 -8.06
C ALA B 171 1.84 6.74 -8.71
N VAL B 172 2.30 7.41 -9.75
CA VAL B 172 1.47 8.30 -10.53
C VAL B 172 1.49 7.80 -11.97
N LEU B 173 0.32 7.81 -12.63
CA LEU B 173 0.14 7.28 -13.97
C LEU B 173 0.04 8.41 -14.99
N GLN B 174 0.82 8.32 -16.06
CA GLN B 174 0.75 9.26 -17.17
C GLN B 174 1.13 8.52 -18.45
N SER B 175 0.27 8.53 -19.47
CA SER B 175 0.62 7.96 -20.77
C SER B 175 0.83 6.46 -20.75
N ASP B 176 -0.02 5.72 -19.96
CA ASP B 176 0.11 4.28 -19.82
C ASP B 176 1.43 3.88 -19.17
N LEU B 177 2.13 4.80 -18.47
CA LEU B 177 3.33 4.45 -17.70
C LEU B 177 3.29 5.05 -16.30
N TYR B 178 3.71 4.24 -15.34
CA TYR B 178 3.81 4.64 -13.93
C TYR B 178 5.21 5.13 -13.57
N THR B 179 5.26 6.04 -12.60
CA THR B 179 6.49 6.51 -11.98
C THR B 179 6.28 6.59 -10.45
N LEU B 180 7.30 6.17 -9.67
CA LEU B 180 7.24 6.15 -8.21
C LEU B 180 8.63 6.61 -7.68
N SER B 181 8.66 7.16 -6.46
CA SER B 181 9.93 7.54 -5.81
C SER B 181 9.94 7.05 -4.35
N SER B 182 11.15 6.98 -3.78
CA SER B 182 11.35 6.67 -2.37
C SER B 182 12.51 7.52 -1.82
N SER B 183 12.38 7.95 -0.55
CA SER B 183 13.45 8.63 0.17
C SER B 183 13.86 7.79 1.40
N VAL B 184 15.11 7.90 1.81
CA VAL B 184 15.55 7.37 3.08
C VAL B 184 16.56 8.31 3.78
N THR B 185 16.42 8.46 5.11
CA THR B 185 16.99 9.55 5.90
C THR B 185 17.84 8.73 6.98
N VAL B 186 19.16 8.97 7.03
CA VAL B 186 20.10 8.29 7.94
C VAL B 186 21.01 9.32 8.63
N THR B 187 21.75 8.92 9.66
CA THR B 187 22.70 9.83 10.31
C THR B 187 23.79 10.22 9.30
N SER B 188 24.26 11.45 9.35
CA SER B 188 25.28 11.91 8.41
C SER B 188 26.60 11.13 8.52
N SER B 189 26.90 10.58 9.70
CA SER B 189 28.10 9.77 9.86
C SER B 189 27.99 8.42 9.14
N THR B 190 26.70 7.96 8.73
CA THR B 190 26.32 6.70 8.11
C THR B 190 26.71 6.64 6.61
N TRP B 191 26.59 7.77 5.91
CA TRP B 191 26.72 7.79 4.45
C TRP B 191 27.52 9.03 4.04
N PRO B 192 28.47 8.95 3.10
CA PRO B 192 28.78 7.77 2.29
C PRO B 192 29.80 6.78 2.88
N SER B 193 30.14 6.87 4.21
CA SER B 193 31.06 5.92 4.88
C SER B 193 30.62 4.46 4.74
N GLN B 194 29.30 4.22 4.82
CA GLN B 194 28.70 2.88 4.73
C GLN B 194 27.83 2.82 3.43
N SER B 195 27.45 1.61 3.05
CA SER B 195 26.78 1.37 1.77
C SER B 195 25.26 1.44 1.87
N ILE B 196 24.63 2.18 0.94
CA ILE B 196 23.17 2.24 0.81
C ILE B 196 22.79 2.02 -0.66
N THR B 197 21.92 1.04 -0.91
CA THR B 197 21.49 0.62 -2.25
C THR B 197 19.97 0.55 -2.33
N CYS B 198 19.40 1.06 -3.45
CA CYS B 198 17.98 0.87 -3.74
C CYS B 198 17.78 -0.40 -4.58
N ASN B 199 16.82 -1.26 -4.20
CA ASN B 199 16.48 -2.50 -4.92
C ASN B 199 15.04 -2.41 -5.42
N VAL B 200 14.82 -2.72 -6.70
CA VAL B 200 13.48 -2.63 -7.29
C VAL B 200 13.10 -3.89 -8.08
N ALA B 201 12.05 -4.57 -7.62
CA ALA B 201 11.50 -5.74 -8.30
C ALA B 201 10.19 -5.34 -9.01
N HIS B 202 10.03 -5.77 -10.25
CA HIS B 202 8.80 -5.51 -11.03
C HIS B 202 8.23 -6.89 -11.44
N PRO B 203 7.28 -7.44 -10.68
CA PRO B 203 6.84 -8.82 -10.94
C PRO B 203 6.32 -9.11 -12.35
N ALA B 204 5.61 -8.17 -12.96
CA ALA B 204 5.05 -8.40 -14.30
C ALA B 204 6.11 -8.64 -15.40
N SER B 205 7.32 -8.08 -15.23
CA SER B 205 8.41 -8.27 -16.18
C SER B 205 9.49 -9.24 -15.66
N SER B 206 9.28 -9.81 -14.47
CA SER B 206 10.27 -10.71 -13.84
C SER B 206 11.67 -10.08 -13.75
N THR B 207 11.73 -8.77 -13.44
CA THR B 207 13.01 -8.06 -13.30
C THR B 207 13.30 -7.62 -11.87
N LYS B 208 14.59 -7.53 -11.55
CA LYS B 208 15.09 -7.04 -10.27
C LYS B 208 16.37 -6.27 -10.55
N VAL B 209 16.40 -4.99 -10.16
CA VAL B 209 17.54 -4.10 -10.37
C VAL B 209 18.04 -3.49 -9.05
N ASP B 210 19.35 -3.35 -8.92
CA ASP B 210 20.01 -2.73 -7.75
C ASP B 210 20.81 -1.50 -8.19
N LYS B 211 20.67 -0.39 -7.46
CA LYS B 211 21.42 0.84 -7.74
C LYS B 211 22.03 1.39 -6.43
N LYS B 212 23.35 1.31 -6.30
CA LYS B 212 24.04 1.85 -5.14
C LYS B 212 24.06 3.38 -5.23
N ILE B 213 23.77 4.07 -4.12
CA ILE B 213 23.82 5.53 -4.11
C ILE B 213 25.29 5.99 -3.89
N GLU B 214 25.85 6.74 -4.87
CA GLU B 214 27.23 7.19 -4.87
C GLU B 214 27.27 8.74 -4.83
N PRO B 215 28.21 9.33 -4.08
CA PRO B 215 28.33 10.79 -4.07
C PRO B 215 28.60 11.35 -5.47
N ARG B 216 28.00 12.50 -5.78
CA ARG B 216 28.21 13.15 -7.07
C ARG B 216 29.64 13.68 -7.22
N GLY B 217 30.23 13.50 -8.42
CA GLY B 217 31.55 14.02 -8.75
C GLY B 217 31.46 15.41 -9.41
N PRO B 218 32.62 15.99 -9.75
CA PRO B 218 32.71 17.33 -10.36
C PRO B 218 31.82 17.51 -11.57
C1 GOL C . -19.03 -14.79 22.34
O1 GOL C . -18.73 -15.33 21.08
C2 GOL C . -20.23 -15.45 23.03
O2 GOL C . -21.40 -15.38 22.24
C3 GOL C . -20.48 -14.80 24.37
O3 GOL C . -20.90 -13.49 24.12
C1 GOL D . -2.10 -10.14 25.17
O1 GOL D . -1.23 -9.63 26.15
C2 GOL D . -1.43 -10.23 23.79
O2 GOL D . -2.37 -10.47 22.75
C3 GOL D . -0.45 -11.40 23.74
O3 GOL D . 0.29 -11.32 22.56
C1 GOL E . -2.73 -4.62 16.73
O1 GOL E . -1.86 -5.72 16.77
C2 GOL E . -2.11 -3.47 15.98
O2 GOL E . -0.98 -3.85 15.28
C3 GOL E . -1.75 -2.29 16.87
O3 GOL E . -1.32 -1.22 16.07
C1 GOL F . 4.03 4.71 6.82
O1 GOL F . 4.40 4.47 8.15
C2 GOL F . 5.14 5.43 6.06
O2 GOL F . 5.33 6.75 6.54
C3 GOL F . 4.82 5.55 4.58
O3 GOL F . 5.91 6.14 3.87
C1 GOL G . -14.87 -22.51 15.42
O1 GOL G . -15.03 -23.83 15.90
C2 GOL G . -15.14 -22.44 13.92
O2 GOL G . -14.02 -22.86 13.19
C3 GOL G . -15.49 -20.98 13.70
O3 GOL G . -15.82 -20.75 12.36
C1 GOL H . 33.02 3.51 1.26
O1 GOL H . 34.32 3.58 0.72
C2 GOL H . 32.36 2.20 0.84
O2 GOL H . 32.44 1.97 -0.55
C3 GOL H . 30.92 2.21 1.37
O3 GOL H . 29.97 2.00 0.37
#